data_2BEI
#
_entry.id   2BEI
#
_cell.length_a   54.583
_cell.length_b   83.621
_cell.length_c   87.548
_cell.angle_alpha   90.00
_cell.angle_beta   90.00
_cell.angle_gamma   90.00
#
_symmetry.space_group_name_H-M   'P 21 21 21'
#
loop_
_entity.id
_entity.type
_entity.pdbx_description
1 polymer 'Diamine acetyltransferase 2'
2 non-polymer 'ACETYL COENZYME *A'
3 water water
#
_entity_poly.entity_id   1
_entity_poly.type   'polypeptide(L)'
_entity_poly.pdbx_seq_one_letter_code
;SASVRIREAKEGDCGDILRLIRELAEFEKLSDQVKISEEALRADGFGDNPFYHCLVAEILPAPGKLLGPCVVGYGIYYFI
YSTWKGRTIYLEDIYV(MSE)PEYRGQGIGSKIIKKVAEVALDKGCSQFRLAVLDWNQRA(MSE)DLYKALGAQDLTEAE
GWHFFCFQGEATRKLAGK
;
_entity_poly.pdbx_strand_id   A,B
#
loop_
_chem_comp.id
_chem_comp.type
_chem_comp.name
_chem_comp.formula
ACO non-polymer 'ACETYL COENZYME *A' 'C23 H38 N7 O17 P3 S'
#
# COMPACT_ATOMS: atom_id res chain seq x y z
N SER A 3 -1.63 20.92 25.47
CA SER A 3 -0.66 20.21 24.61
C SER A 3 -1.27 18.99 23.96
N VAL A 4 -0.62 18.53 22.91
CA VAL A 4 -1.12 17.42 22.11
C VAL A 4 -0.11 16.30 22.17
N ARG A 5 -0.60 15.08 22.27
CA ARG A 5 0.27 13.93 22.15
C ARG A 5 -0.28 12.97 21.13
N ILE A 6 0.61 12.45 20.28
CA ILE A 6 0.23 11.42 19.32
C ILE A 6 0.68 10.14 19.97
N ARG A 7 -0.22 9.17 20.07
CA ARG A 7 0.12 7.92 20.70
C ARG A 7 -0.59 6.75 20.05
N GLU A 8 -0.07 5.55 20.28
CA GLU A 8 -0.76 4.32 19.90
C GLU A 8 -2.16 4.29 20.49
N ALA A 9 -3.14 3.84 19.69
CA ALA A 9 -4.48 3.60 20.17
C ALA A 9 -4.49 2.44 21.18
N LYS A 10 -5.43 2.50 22.11
CA LYS A 10 -5.74 1.37 22.98
C LYS A 10 -7.19 0.94 22.70
N GLU A 11 -7.57 -0.27 23.12
CA GLU A 11 -8.92 -0.78 22.86
C GLU A 11 -9.98 0.23 23.31
N GLY A 12 -9.72 0.92 24.42
CA GLY A 12 -10.66 1.91 24.96
C GLY A 12 -10.94 3.09 24.02
N ASP A 13 -10.07 3.30 23.02
CA ASP A 13 -10.24 4.42 22.05
C ASP A 13 -11.20 4.07 20.90
N CYS A 14 -11.63 2.82 20.81
CA CYS A 14 -12.35 2.36 19.62
C CYS A 14 -13.64 3.12 19.33
N GLY A 15 -14.36 3.48 20.37
CA GLY A 15 -15.53 4.34 20.20
C GLY A 15 -15.17 5.68 19.54
N ASP A 16 -14.17 6.37 20.08
CA ASP A 16 -13.72 7.65 19.53
C ASP A 16 -13.18 7.51 18.09
N ILE A 17 -12.41 6.46 17.86
CA ILE A 17 -11.90 6.18 16.51
C ILE A 17 -13.02 5.89 15.50
N LEU A 18 -14.03 5.14 15.91
CA LEU A 18 -15.12 4.87 14.97
C LEU A 18 -15.83 6.16 14.59
N ARG A 19 -16.05 7.04 15.56
CA ARG A 19 -16.67 8.32 15.27
C ARG A 19 -15.83 9.13 14.27
N LEU A 20 -14.50 9.12 14.45
CA LEU A 20 -13.61 9.89 13.57
C LEU A 20 -13.50 9.25 12.17
N ILE A 21 -13.54 7.92 12.11
CA ILE A 21 -13.60 7.26 10.80
C ILE A 21 -14.83 7.71 10.03
N ARG A 22 -15.97 7.78 10.72
CA ARG A 22 -17.20 8.26 10.11
C ARG A 22 -17.04 9.72 9.63
N GLU A 23 -16.30 10.55 10.38
CA GLU A 23 -16.07 11.98 9.98
C GLU A 23 -15.23 12.02 8.71
N LEU A 24 -14.18 11.19 8.68
CA LEU A 24 -13.31 11.26 7.48
C LEU A 24 -14.06 10.73 6.26
N ALA A 25 -14.84 9.66 6.42
CA ALA A 25 -15.62 9.10 5.28
C ALA A 25 -16.58 10.15 4.68
N GLU A 26 -17.24 10.89 5.56
CA GLU A 26 -18.11 11.98 5.12
C GLU A 26 -17.34 13.12 4.47
N PHE A 27 -16.24 13.55 5.08
CA PHE A 27 -15.36 14.58 4.47
C PHE A 27 -14.99 14.18 3.03
N GLU A 28 -14.65 12.91 2.85
CA GLU A 28 -14.25 12.39 1.51
C GLU A 28 -15.43 12.07 0.58
N LYS A 29 -16.64 12.13 1.13
CA LYS A 29 -17.93 11.84 0.43
C LYS A 29 -18.06 10.38 0.00
N LEU A 30 -18.05 9.50 1.01
CA LEU A 30 -17.93 8.02 0.89
C LEU A 30 -16.53 7.62 0.51
N LYS A 35 -18.13 -0.28 6.57
CA LYS A 35 -19.05 -1.19 7.27
C LYS A 35 -18.40 -1.79 8.53
N ILE A 36 -17.97 -0.91 9.43
CA ILE A 36 -17.13 -1.31 10.56
C ILE A 36 -17.84 -1.03 11.90
N SER A 37 -17.91 -2.06 12.74
CA SER A 37 -18.47 -1.95 14.09
C SER A 37 -17.35 -1.64 15.06
N GLU A 38 -17.69 -1.10 16.23
CA GLU A 38 -16.68 -0.88 17.26
C GLU A 38 -16.02 -2.23 17.57
N GLU A 39 -16.83 -3.29 17.58
CA GLU A 39 -16.31 -4.66 17.74
C GLU A 39 -15.22 -5.01 16.70
N ALA A 40 -15.51 -4.82 15.41
CA ALA A 40 -14.54 -5.11 14.33
C ALA A 40 -13.21 -4.37 14.55
N LEU A 41 -13.31 -3.08 14.88
CA LEU A 41 -12.13 -2.27 15.22
C LEU A 41 -11.26 -2.89 16.31
N ARG A 42 -11.90 -3.28 17.41
CA ARG A 42 -11.18 -3.90 18.53
C ARG A 42 -10.48 -5.20 18.12
N ALA A 43 -11.18 -6.02 17.34
CA ALA A 43 -10.62 -7.28 16.85
C ALA A 43 -9.51 -7.08 15.80
N ASP A 44 -9.79 -6.30 14.76
CA ASP A 44 -8.83 -6.09 13.66
C ASP A 44 -7.61 -5.24 14.06
N GLY A 45 -7.83 -4.22 14.91
CA GLY A 45 -6.82 -3.20 15.17
C GLY A 45 -5.89 -3.47 16.33
N PHE A 46 -6.19 -4.54 17.07
CA PHE A 46 -5.47 -4.90 18.32
C PHE A 46 -5.26 -6.40 18.45
N GLY A 47 -5.90 -7.16 17.55
CA GLY A 47 -6.05 -8.60 17.69
C GLY A 47 -4.78 -9.38 17.96
N ASP A 48 -4.35 -10.18 16.99
CA ASP A 48 -3.25 -11.09 17.25
C ASP A 48 -1.88 -10.74 16.64
N ASN A 49 -1.71 -10.53 15.31
CA ASN A 49 -2.67 -10.59 14.18
C ASN A 49 -3.48 -9.31 13.84
N PRO A 50 -2.90 -8.11 14.06
CA PRO A 50 -3.75 -6.95 13.76
C PRO A 50 -3.69 -6.66 12.26
N PHE A 51 -4.82 -6.28 11.68
CA PHE A 51 -4.88 -5.92 10.26
C PHE A 51 -4.25 -4.56 9.98
N TYR A 52 -4.33 -3.69 10.96
CA TYR A 52 -3.89 -2.33 10.78
C TYR A 52 -3.61 -1.76 12.13
N HIS A 53 -3.11 -0.53 12.16
CA HIS A 53 -2.60 0.07 13.37
C HIS A 53 -3.13 1.48 13.40
N CYS A 54 -3.55 1.93 14.59
CA CYS A 54 -4.15 3.24 14.73
CA CYS A 54 -4.20 3.22 14.77
C CYS A 54 -3.34 4.10 15.67
N LEU A 55 -3.15 5.36 15.27
CA LEU A 55 -2.55 6.39 16.14
C LEU A 55 -3.66 7.39 16.49
N VAL A 56 -3.66 7.87 17.73
CA VAL A 56 -4.60 8.94 18.11
C VAL A 56 -3.83 10.21 18.49
N ALA A 57 -4.43 11.33 18.16
CA ALA A 57 -4.02 12.66 18.58
C ALA A 57 -4.96 13.02 19.73
N GLU A 58 -4.37 13.34 20.86
CA GLU A 58 -5.10 13.50 22.11
C GLU A 58 -4.64 14.82 22.76
N ILE A 59 -5.60 15.66 23.13
CA ILE A 59 -5.28 16.92 23.80
C ILE A 59 -5.25 16.62 25.28
N LEU A 60 -4.22 17.11 25.95
CA LEU A 60 -4.05 16.91 27.39
C LEU A 60 -4.40 18.20 28.14
N GLY A 68 -11.15 16.18 31.02
CA GLY A 68 -9.85 15.50 30.85
C GLY A 68 -9.33 15.52 29.41
N PRO A 69 -8.59 14.46 29.02
CA PRO A 69 -8.01 14.41 27.66
C PRO A 69 -9.05 13.96 26.64
N CYS A 70 -8.93 14.47 25.42
CA CYS A 70 -9.89 14.15 24.39
C CYS A 70 -9.17 13.86 23.07
N VAL A 71 -9.74 12.92 22.33
CA VAL A 71 -9.14 12.48 21.08
C VAL A 71 -9.67 13.39 19.96
N VAL A 72 -8.77 14.07 19.24
CA VAL A 72 -9.16 15.06 18.24
C VAL A 72 -8.68 14.75 16.82
N GLY A 73 -8.02 13.61 16.64
CA GLY A 73 -7.56 13.24 15.30
C GLY A 73 -7.05 11.82 15.37
N TYR A 74 -6.84 11.23 14.21
CA TYR A 74 -6.29 9.86 14.21
C TYR A 74 -5.57 9.57 12.89
N GLY A 75 -4.78 8.48 12.88
CA GLY A 75 -4.29 7.94 11.63
C GLY A 75 -4.44 6.45 11.70
N ILE A 76 -4.57 5.83 10.53
CA ILE A 76 -4.55 4.37 10.46
C ILE A 76 -3.51 4.01 9.41
N TYR A 77 -2.65 3.07 9.77
CA TYR A 77 -1.61 2.66 8.78
C TYR A 77 -1.50 1.15 8.81
N TYR A 78 -0.90 0.61 7.75
CA TYR A 78 -0.46 -0.76 7.79
C TYR A 78 0.83 -0.95 7.03
N PHE A 79 1.33 -2.16 7.13
CA PHE A 79 2.62 -2.49 6.54
C PHE A 79 2.40 -3.06 5.16
N ILE A 80 3.21 -2.56 4.24
CA ILE A 80 3.17 -2.98 2.84
C ILE A 80 4.62 -3.25 2.37
N TYR A 81 4.84 -3.25 1.04
CA TYR A 81 6.17 -3.61 0.56
C TYR A 81 6.46 -2.93 -0.76
N SER A 82 7.70 -2.55 -0.96
CA SER A 82 8.15 -2.04 -2.25
C SER A 82 9.23 -2.99 -2.77
N THR A 83 9.22 -3.31 -4.04
CA THR A 83 10.28 -4.19 -4.58
C THR A 83 11.59 -3.44 -4.76
N TRP A 84 11.57 -2.13 -4.68
CA TRP A 84 12.85 -1.47 -4.78
C TRP A 84 13.43 -1.20 -3.41
N LYS A 85 12.55 -0.95 -2.43
CA LYS A 85 13.02 -0.51 -1.13
C LYS A 85 12.75 -1.51 0.02
N GLY A 86 11.85 -2.46 -0.16
CA GLY A 86 11.53 -3.41 0.89
C GLY A 86 10.42 -2.87 1.83
N ARG A 87 10.62 -3.07 3.13
CA ARG A 87 9.57 -2.81 4.14
C ARG A 87 9.12 -1.38 4.03
N THR A 88 7.81 -1.19 3.94
CA THR A 88 7.21 0.16 3.70
C THR A 88 5.93 0.26 4.54
N ILE A 89 5.60 1.48 5.00
CA ILE A 89 4.30 1.70 5.67
C ILE A 89 3.36 2.38 4.71
N TYR A 90 2.05 2.14 4.83
CA TYR A 90 1.09 2.86 4.02
C TYR A 90 0.15 3.57 4.98
N LEU A 91 0.04 4.91 4.87
CA LEU A 91 -0.84 5.70 5.75
C LEU A 91 -2.19 5.80 5.03
N GLU A 92 -3.15 5.05 5.56
CA GLU A 92 -4.46 4.92 4.92
C GLU A 92 -5.41 6.09 5.26
N ASP A 93 -5.59 6.39 6.54
CA ASP A 93 -6.50 7.47 6.99
C ASP A 93 -5.69 8.46 7.78
N ILE A 94 -5.95 9.76 7.59
CA ILE A 94 -5.47 10.77 8.56
C ILE A 94 -6.54 11.89 8.62
N TYR A 95 -6.88 12.29 9.84
CA TYR A 95 -7.99 13.21 10.03
C TYR A 95 -7.86 13.91 11.34
N VAL A 96 -8.12 15.22 11.30
CA VAL A 96 -8.13 16.07 12.51
C VAL A 96 -9.46 16.80 12.50
N MSE A 97 -10.10 16.90 13.66
CA MSE A 97 -11.38 17.58 13.75
C MSE A 97 -11.26 19.03 13.29
O MSE A 97 -10.25 19.68 13.55
CB MSE A 97 -11.89 17.58 15.18
CG MSE A 97 -12.16 16.17 15.64
SE MSE A 97 -12.82 16.11 17.50
CE MSE A 97 -14.65 16.87 17.21
N PRO A 98 -12.31 19.57 12.68
CA PRO A 98 -12.27 20.95 12.14
C PRO A 98 -11.77 22.02 13.13
N GLU A 99 -12.27 22.00 14.37
CA GLU A 99 -11.87 22.97 15.40
C GLU A 99 -10.36 22.95 15.64
N TYR A 100 -9.73 21.79 15.39
CA TYR A 100 -8.30 21.58 15.72
C TYR A 100 -7.31 21.61 14.60
N ARG A 101 -7.74 22.00 13.40
CA ARG A 101 -6.85 22.05 12.25
C ARG A 101 -5.96 23.30 12.25
N GLY A 102 -4.86 23.25 11.52
CA GLY A 102 -3.92 24.36 11.45
C GLY A 102 -3.30 24.76 12.80
N GLN A 103 -3.03 23.78 13.65
CA GLN A 103 -2.24 24.01 14.85
C GLN A 103 -1.23 22.88 15.01
N GLY A 104 -0.80 22.35 13.86
CA GLY A 104 0.30 21.37 13.78
C GLY A 104 0.04 19.90 14.06
N ILE A 105 -1.21 19.56 14.36
CA ILE A 105 -1.56 18.19 14.77
C ILE A 105 -1.39 17.18 13.65
N GLY A 106 -1.88 17.51 12.45
CA GLY A 106 -1.72 16.61 11.30
C GLY A 106 -0.24 16.36 10.99
N SER A 107 0.56 17.42 11.05
CA SER A 107 2.02 17.29 10.83
C SER A 107 2.65 16.38 11.89
N LYS A 108 2.16 16.49 13.13
CA LYS A 108 2.63 15.63 14.22
C LYS A 108 2.23 14.18 14.01
N ILE A 109 1.05 13.94 13.47
CA ILE A 109 0.66 12.55 13.18
C ILE A 109 1.60 11.97 12.12
N ILE A 110 1.85 12.75 11.07
CA ILE A 110 2.73 12.31 10.00
C ILE A 110 4.16 12.02 10.54
N LYS A 111 4.68 12.92 11.36
CA LYS A 111 5.99 12.71 12.02
C LYS A 111 5.99 11.43 12.86
N LYS A 112 4.91 11.14 13.54
CA LYS A 112 4.84 9.91 14.31
C LYS A 112 4.86 8.66 13.43
N VAL A 113 4.17 8.71 12.29
CA VAL A 113 4.20 7.58 11.37
C VAL A 113 5.64 7.41 10.86
N ALA A 114 6.33 8.51 10.55
CA ALA A 114 7.76 8.37 10.15
C ALA A 114 8.62 7.74 11.24
N GLU A 115 8.40 8.14 12.49
CA GLU A 115 9.13 7.58 13.62
C GLU A 115 8.88 6.08 13.73
N VAL A 116 7.60 5.69 13.70
CA VAL A 116 7.20 4.28 13.67
C VAL A 116 7.83 3.53 12.48
N ALA A 117 7.83 4.15 11.30
CA ALA A 117 8.47 3.56 10.14
C ALA A 117 9.92 3.13 10.48
N LEU A 118 10.74 4.09 10.91
CA LEU A 118 12.14 3.77 11.17
C LEU A 118 12.28 2.72 12.27
N ASP A 119 11.46 2.83 13.30
CA ASP A 119 11.48 1.87 14.39
C ASP A 119 11.22 0.45 13.90
N LYS A 120 10.39 0.33 12.87
CA LYS A 120 10.01 -0.97 12.34
C LYS A 120 10.79 -1.33 11.07
N GLY A 121 11.87 -0.61 10.81
CA GLY A 121 12.76 -0.92 9.68
C GLY A 121 12.16 -0.62 8.30
N CYS A 122 11.25 0.35 8.26
CA CYS A 122 10.58 0.78 7.05
C CYS A 122 11.23 2.10 6.64
N SER A 123 11.91 2.12 5.49
CA SER A 123 12.63 3.30 5.03
C SER A 123 11.73 4.42 4.49
N GLN A 124 10.50 4.06 4.16
CA GLN A 124 9.67 4.99 3.41
C GLN A 124 8.21 4.73 3.74
N PHE A 125 7.34 5.71 3.47
CA PHE A 125 5.91 5.48 3.63
C PHE A 125 5.07 6.13 2.54
N ARG A 126 3.96 5.49 2.22
CA ARG A 126 3.12 5.81 1.09
C ARG A 126 1.74 6.27 1.54
N LEU A 127 1.10 7.08 0.71
CA LEU A 127 -0.30 7.39 0.93
C LEU A 127 -0.99 7.71 -0.39
N ALA A 128 -2.31 7.71 -0.37
CA ALA A 128 -3.11 8.11 -1.52
C ALA A 128 -3.95 9.29 -1.09
N VAL A 129 -4.11 10.27 -1.98
CA VAL A 129 -4.96 11.43 -1.66
C VAL A 129 -5.68 11.88 -2.91
N LEU A 130 -6.89 12.38 -2.71
CA LEU A 130 -7.74 12.86 -3.79
C LEU A 130 -7.24 14.19 -4.28
N ASP A 131 -7.20 14.35 -5.61
CA ASP A 131 -6.65 15.56 -6.21
C ASP A 131 -7.44 16.82 -5.96
N TRP A 132 -8.69 16.71 -5.52
CA TRP A 132 -9.41 17.92 -5.09
C TRP A 132 -8.93 18.43 -3.73
N ASN A 133 -8.26 17.56 -2.97
CA ASN A 133 -7.81 17.92 -1.63
C ASN A 133 -6.42 18.54 -1.66
N GLN A 134 -6.34 19.75 -2.24
CA GLN A 134 -5.08 20.39 -2.52
C GLN A 134 -4.38 20.81 -1.26
N ARG A 135 -5.14 21.13 -0.22
CA ARG A 135 -4.49 21.55 1.03
C ARG A 135 -3.73 20.42 1.68
N ALA A 136 -4.30 19.22 1.62
CA ALA A 136 -3.57 18.03 2.07
C ALA A 136 -2.36 17.74 1.21
N MSE A 137 -2.56 17.73 -0.10
CA MSE A 137 -1.44 17.50 -1.02
C MSE A 137 -0.29 18.47 -0.81
O MSE A 137 0.89 18.07 -0.77
CB MSE A 137 -1.90 17.55 -2.47
CG MSE A 137 -2.92 16.51 -2.84
SE MSE A 137 -3.36 16.79 -4.73
CE MSE A 137 -1.60 16.77 -5.54
N ASP A 138 -0.63 19.75 -0.65
CA ASP A 138 0.37 20.79 -0.36
C ASP A 138 1.13 20.50 0.95
N LEU A 139 0.42 20.07 1.99
CA LEU A 139 1.11 19.73 3.24
C LEU A 139 2.11 18.58 3.06
N TYR A 140 1.64 17.49 2.45
CA TYR A 140 2.53 16.34 2.19
C TYR A 140 3.75 16.77 1.37
N LYS A 141 3.55 17.60 0.35
CA LYS A 141 4.72 18.11 -0.42
C LYS A 141 5.65 18.95 0.44
N ALA A 142 5.07 19.81 1.28
CA ALA A 142 5.84 20.62 2.24
C ALA A 142 6.66 19.76 3.20
N LEU A 143 6.13 18.60 3.58
CA LEU A 143 6.83 17.69 4.47
C LEU A 143 7.78 16.73 3.73
N GLY A 144 7.90 16.85 2.41
CA GLY A 144 8.90 16.08 1.66
C GLY A 144 8.42 14.98 0.73
N ALA A 145 7.11 14.76 0.67
CA ALA A 145 6.55 13.70 -0.15
C ALA A 145 6.62 14.06 -1.64
N GLN A 146 6.72 13.04 -2.49
CA GLN A 146 6.53 13.21 -3.93
C GLN A 146 5.18 12.67 -4.39
N ASP A 147 4.52 13.42 -5.28
CA ASP A 147 3.36 12.91 -5.99
C ASP A 147 3.83 12.06 -7.19
N LEU A 148 3.74 10.73 -7.06
CA LEU A 148 4.25 9.79 -8.07
C LEU A 148 3.25 9.60 -9.20
N THR A 149 1.99 9.93 -8.94
CA THR A 149 1.00 9.99 -10.01
C THR A 149 1.40 11.06 -11.03
N GLU A 150 1.64 12.27 -10.52
CA GLU A 150 2.06 13.42 -11.34
C GLU A 150 3.47 13.24 -11.90
N ALA A 151 4.41 12.79 -11.08
CA ALA A 151 5.79 12.57 -11.52
C ALA A 151 5.99 11.38 -12.47
N GLU A 152 5.35 10.24 -12.18
CA GLU A 152 5.62 9.01 -12.92
C GLU A 152 4.44 8.44 -13.73
N GLY A 153 3.22 8.84 -13.41
CA GLY A 153 2.08 8.46 -14.25
C GLY A 153 1.28 7.30 -13.71
N TRP A 154 1.54 6.97 -12.46
CA TRP A 154 0.82 5.87 -11.82
C TRP A 154 -0.66 6.18 -11.69
N HIS A 155 -1.49 5.25 -12.14
CA HIS A 155 -2.91 5.31 -11.93
C HIS A 155 -3.34 4.16 -11.05
N PHE A 156 -4.05 4.46 -9.96
CA PHE A 156 -4.72 3.39 -9.20
C PHE A 156 -5.89 2.72 -9.95
N PHE A 157 -5.89 1.38 -10.04
CA PHE A 157 -7.07 0.58 -10.47
C PHE A 157 -7.65 -0.28 -9.38
N CYS A 158 -8.97 -0.45 -9.43
CA CYS A 158 -9.67 -1.32 -8.48
C CYS A 158 -10.71 -2.20 -9.19
N PHE A 159 -10.62 -3.50 -8.93
CA PHE A 159 -11.59 -4.48 -9.37
C PHE A 159 -12.45 -4.84 -8.17
N GLN A 160 -13.77 -4.83 -8.36
CA GLN A 160 -14.70 -5.27 -7.32
C GLN A 160 -15.61 -6.35 -7.84
N GLY A 161 -15.90 -7.33 -6.99
CA GLY A 161 -16.94 -8.32 -7.24
C GLY A 161 -16.67 -9.06 -8.52
N GLU A 162 -17.61 -8.97 -9.46
CA GLU A 162 -17.49 -9.64 -10.75
C GLU A 162 -16.24 -9.26 -11.55
N ALA A 163 -15.77 -8.03 -11.43
CA ALA A 163 -14.57 -7.62 -12.18
C ALA A 163 -13.35 -8.49 -11.76
N THR A 164 -13.24 -8.72 -10.45
CA THR A 164 -12.18 -9.57 -9.91
C THR A 164 -12.40 -11.01 -10.34
N ARG A 165 -13.66 -11.45 -10.39
CA ARG A 165 -13.96 -12.80 -10.89
C ARG A 165 -13.57 -12.97 -12.35
N LYS A 166 -13.81 -11.96 -13.16
CA LYS A 166 -13.43 -12.01 -14.55
C LYS A 166 -11.90 -11.95 -14.74
N LEU A 167 -11.23 -11.10 -13.95
CA LEU A 167 -9.76 -11.05 -13.85
C LEU A 167 -9.18 -12.42 -13.54
N ALA A 168 -9.81 -13.13 -12.60
CA ALA A 168 -9.39 -14.48 -12.21
C ALA A 168 -9.72 -15.48 -13.31
N GLY A 169 -10.30 -14.99 -14.41
CA GLY A 169 -10.68 -15.86 -15.53
C GLY A 169 -11.61 -16.96 -15.07
N ALA B 2 7.09 -21.33 -24.61
CA ALA B 2 7.88 -22.07 -23.56
C ALA B 2 6.93 -22.59 -22.49
N SER B 3 7.19 -23.81 -22.01
CA SER B 3 6.38 -24.38 -20.94
C SER B 3 6.74 -23.70 -19.61
N VAL B 4 5.73 -23.19 -18.91
CA VAL B 4 5.94 -22.40 -17.69
C VAL B 4 4.97 -22.79 -16.58
N ARG B 5 5.47 -22.86 -15.35
CA ARG B 5 4.58 -22.97 -14.20
C ARG B 5 4.65 -21.69 -13.37
N ILE B 6 3.52 -21.32 -12.77
CA ILE B 6 3.48 -20.22 -11.81
C ILE B 6 3.27 -20.86 -10.46
N ARG B 7 4.17 -20.62 -9.52
CA ARG B 7 4.08 -21.29 -8.22
C ARG B 7 4.40 -20.32 -7.11
N GLU B 8 4.02 -20.67 -5.88
CA GLU B 8 4.41 -19.88 -4.73
C GLU B 8 5.91 -19.90 -4.66
N ALA B 9 6.49 -18.72 -4.43
CA ALA B 9 7.91 -18.60 -4.12
C ALA B 9 8.25 -19.35 -2.85
N LYS B 10 9.49 -19.81 -2.79
CA LYS B 10 10.07 -20.41 -1.62
C LYS B 10 11.25 -19.53 -1.19
N GLU B 11 11.66 -19.62 0.06
CA GLU B 11 12.74 -18.76 0.54
C GLU B 11 13.98 -18.80 -0.37
N GLY B 12 14.31 -19.99 -0.88
CA GLY B 12 15.43 -20.14 -1.77
C GLY B 12 15.32 -19.49 -3.13
N ASP B 13 14.14 -18.94 -3.48
CA ASP B 13 13.96 -18.20 -4.75
C ASP B 13 14.37 -16.71 -4.63
N CYS B 14 14.73 -16.30 -3.41
CA CYS B 14 14.94 -14.86 -3.15
C CYS B 14 16.12 -14.25 -3.93
N GLY B 15 17.17 -15.04 -4.10
CA GLY B 15 18.28 -14.69 -5.01
C GLY B 15 17.79 -14.37 -6.41
N ASP B 16 16.94 -15.25 -6.94
CA ASP B 16 16.36 -15.02 -8.29
C ASP B 16 15.41 -13.84 -8.34
N ILE B 17 14.61 -13.68 -7.31
CA ILE B 17 13.74 -12.51 -7.26
C ILE B 17 14.56 -11.20 -7.28
N LEU B 18 15.61 -11.13 -6.47
CA LEU B 18 16.47 -9.94 -6.45
C LEU B 18 17.17 -9.78 -7.79
N ARG B 19 17.64 -10.87 -8.37
CA ARG B 19 18.31 -10.75 -9.69
C ARG B 19 17.34 -10.11 -10.71
N LEU B 20 16.06 -10.53 -10.72
CA LEU B 20 15.08 -9.95 -11.63
C LEU B 20 14.79 -8.48 -11.34
N ILE B 21 14.64 -8.14 -10.06
CA ILE B 21 14.40 -6.74 -9.63
C ILE B 21 15.58 -5.88 -10.15
N ARG B 22 16.81 -6.36 -9.92
CA ARG B 22 17.99 -5.61 -10.39
C ARG B 22 18.05 -5.51 -11.91
N GLU B 23 17.63 -6.55 -12.62
CA GLU B 23 17.64 -6.55 -14.11
C GLU B 23 16.72 -5.46 -14.62
N LEU B 24 15.52 -5.38 -14.06
CA LEU B 24 14.57 -4.28 -14.36
C LEU B 24 15.18 -2.92 -14.07
N ALA B 25 15.75 -2.75 -12.88
CA ALA B 25 16.27 -1.43 -12.46
C ALA B 25 17.39 -1.04 -13.44
N GLU B 26 18.25 -1.99 -13.78
CA GLU B 26 19.36 -1.75 -14.70
C GLU B 26 18.82 -1.35 -16.06
N PHE B 27 17.78 -2.05 -16.52
CA PHE B 27 17.15 -1.69 -17.79
C PHE B 27 16.66 -0.25 -17.79
N GLU B 28 16.09 0.19 -16.66
CA GLU B 28 15.55 1.52 -16.52
C GLU B 28 16.60 2.58 -16.17
N LYS B 29 17.86 2.18 -16.11
CA LYS B 29 18.98 3.04 -15.66
C LYS B 29 18.78 3.59 -14.24
N LEU B 30 18.25 2.75 -13.34
CA LEU B 30 17.91 3.16 -11.98
C LEU B 30 18.47 2.18 -10.94
N SER B 31 19.58 1.54 -11.29
CA SER B 31 20.25 0.55 -10.47
C SER B 31 20.49 1.04 -9.06
N ASP B 32 20.86 2.32 -8.96
CA ASP B 32 21.20 2.94 -7.66
C ASP B 32 20.00 3.08 -6.73
N GLN B 33 18.81 2.92 -7.29
CA GLN B 33 17.57 3.04 -6.52
C GLN B 33 17.14 1.72 -5.81
N VAL B 34 17.77 0.62 -6.16
CA VAL B 34 17.43 -0.66 -5.56
C VAL B 34 18.16 -0.75 -4.22
N LYS B 35 17.40 -0.62 -3.14
CA LYS B 35 17.98 -0.67 -1.80
C LYS B 35 17.68 -1.97 -1.08
N ILE B 36 16.71 -2.72 -1.60
CA ILE B 36 16.33 -4.01 -1.04
C ILE B 36 17.47 -5.02 -1.14
N SER B 37 17.50 -5.99 -0.23
CA SER B 37 18.57 -6.99 -0.17
C SER B 37 17.97 -8.35 -0.25
N GLU B 38 18.78 -9.36 -0.57
CA GLU B 38 18.26 -10.74 -0.60
C GLU B 38 17.82 -11.15 0.82
N GLU B 39 18.60 -10.72 1.81
CA GLU B 39 18.33 -11.06 3.24
C GLU B 39 16.97 -10.48 3.63
N ALA B 40 16.66 -9.29 3.13
CA ALA B 40 15.35 -8.66 3.41
C ALA B 40 14.22 -9.45 2.77
N LEU B 41 14.35 -9.78 1.48
CA LEU B 41 13.36 -10.62 0.82
C LEU B 41 13.13 -11.93 1.60
N ARG B 42 14.20 -12.52 2.15
CA ARG B 42 14.12 -13.76 2.92
C ARG B 42 13.38 -13.50 4.24
N ALA B 43 13.84 -12.50 5.01
CA ALA B 43 13.25 -12.16 6.33
C ALA B 43 11.81 -11.66 6.16
N ASP B 44 11.56 -10.82 5.14
CA ASP B 44 10.26 -10.15 4.98
C ASP B 44 9.18 -11.04 4.37
N GLY B 45 9.59 -12.15 3.79
CA GLY B 45 8.70 -13.02 3.06
C GLY B 45 8.45 -14.37 3.68
N PHE B 46 9.34 -14.80 4.58
CA PHE B 46 9.39 -16.21 4.95
C PHE B 46 9.51 -16.44 6.44
N GLY B 47 9.25 -15.39 7.22
CA GLY B 47 9.06 -15.52 8.66
C GLY B 47 7.58 -15.54 9.04
N ASP B 48 7.29 -15.24 10.30
CA ASP B 48 5.93 -15.45 10.82
C ASP B 48 4.88 -14.47 10.29
N ASN B 49 5.24 -13.20 10.14
CA ASN B 49 4.28 -12.20 9.67
C ASN B 49 4.81 -11.49 8.42
N PRO B 50 4.79 -12.17 7.27
CA PRO B 50 5.43 -11.61 6.06
C PRO B 50 4.84 -10.27 5.64
N PHE B 51 5.70 -9.39 5.08
CA PHE B 51 5.25 -8.15 4.49
C PHE B 51 4.62 -8.35 3.09
N TYR B 52 4.95 -9.46 2.43
CA TYR B 52 4.52 -9.68 1.04
C TYR B 52 4.40 -11.18 0.75
N HIS B 53 3.74 -11.51 -0.36
CA HIS B 53 3.74 -12.85 -0.91
C HIS B 53 4.20 -12.78 -2.35
N CYS B 54 4.75 -13.87 -2.84
CA CYS B 54 5.35 -13.83 -4.16
C CYS B 54 5.02 -15.10 -4.94
N LEU B 55 4.58 -14.88 -6.18
CA LEU B 55 4.48 -15.94 -7.16
C LEU B 55 5.65 -15.77 -8.12
N VAL B 56 6.24 -16.90 -8.52
CA VAL B 56 7.28 -16.88 -9.56
C VAL B 56 6.86 -17.66 -10.79
N ALA B 57 7.35 -17.20 -11.95
CA ALA B 57 7.17 -17.93 -13.22
C ALA B 57 8.44 -18.74 -13.50
N GLU B 58 8.30 -20.05 -13.69
CA GLU B 58 9.45 -20.92 -13.79
C GLU B 58 9.33 -21.79 -15.04
N ILE B 59 10.40 -21.87 -15.80
CA ILE B 59 10.47 -22.79 -16.97
C ILE B 59 10.78 -24.19 -16.51
N CYS B 70 14.56 -22.41 -14.50
CA CYS B 70 14.92 -20.99 -14.65
C CYS B 70 13.70 -20.11 -14.31
N VAL B 71 13.89 -19.27 -13.31
CA VAL B 71 12.84 -18.34 -12.86
C VAL B 71 12.93 -17.12 -13.76
N VAL B 72 11.84 -16.79 -14.45
CA VAL B 72 11.86 -15.77 -15.50
C VAL B 72 10.91 -14.60 -15.23
N GLY B 73 10.24 -14.60 -14.08
CA GLY B 73 9.28 -13.55 -13.77
C GLY B 73 8.72 -13.70 -12.36
N TYR B 74 8.08 -12.66 -11.84
CA TYR B 74 7.47 -12.77 -10.50
C TYR B 74 6.29 -11.83 -10.43
N GLY B 75 5.43 -12.05 -9.45
CA GLY B 75 4.38 -11.10 -9.10
C GLY B 75 4.46 -11.03 -7.57
N ILE B 76 4.49 -9.83 -7.03
CA ILE B 76 4.58 -9.64 -5.60
C ILE B 76 3.33 -8.91 -5.13
N TYR B 77 2.65 -9.46 -4.12
CA TYR B 77 1.45 -8.82 -3.63
C TYR B 77 1.36 -8.87 -2.11
N TYR B 78 0.38 -8.15 -1.58
CA TYR B 78 0.10 -8.21 -0.15
C TYR B 78 -1.37 -7.81 0.06
N PHE B 79 -1.93 -8.11 1.23
CA PHE B 79 -3.27 -7.63 1.55
C PHE B 79 -3.22 -6.25 2.22
N ILE B 80 -4.27 -5.46 2.04
CA ILE B 80 -4.38 -4.15 2.69
C ILE B 80 -5.75 -4.06 3.33
N TYR B 81 -5.87 -3.19 4.33
CA TYR B 81 -7.18 -2.87 4.88
C TYR B 81 -7.64 -1.45 4.52
N SER B 82 -8.51 -1.37 3.51
CA SER B 82 -9.05 -0.06 3.21
C SER B 82 -10.29 0.28 4.02
N THR B 83 -10.28 1.50 4.54
CA THR B 83 -11.36 1.97 5.41
C THR B 83 -12.63 2.26 4.61
N TRP B 84 -12.51 2.14 3.29
CA TRP B 84 -13.63 2.29 2.38
C TRP B 84 -14.27 0.94 2.08
N LYS B 85 -13.47 -0.06 1.71
CA LYS B 85 -14.05 -1.33 1.24
C LYS B 85 -13.64 -2.59 2.03
N GLY B 86 -12.80 -2.42 3.07
CA GLY B 86 -12.34 -3.55 3.88
C GLY B 86 -11.13 -4.24 3.23
N ARG B 87 -11.07 -5.55 3.39
CA ARG B 87 -9.93 -6.34 2.95
C ARG B 87 -9.72 -6.27 1.44
N THR B 88 -8.50 -5.95 1.01
CA THR B 88 -8.22 -5.78 -0.41
C THR B 88 -6.87 -6.45 -0.70
N ILE B 89 -6.75 -7.10 -1.85
CA ILE B 89 -5.43 -7.59 -2.30
C ILE B 89 -4.80 -6.48 -3.18
N TYR B 90 -3.49 -6.29 -3.06
CA TYR B 90 -2.83 -5.21 -3.78
C TYR B 90 -1.67 -5.85 -4.48
N LEU B 91 -1.66 -5.71 -5.80
CA LEU B 91 -0.60 -6.23 -6.61
C LEU B 91 0.49 -5.17 -6.69
N GLU B 92 1.65 -5.45 -6.11
CA GLU B 92 2.67 -4.45 -6.00
C GLU B 92 3.57 -4.37 -7.24
N ASP B 93 3.83 -5.51 -7.85
CA ASP B 93 4.80 -5.54 -8.96
C ASP B 93 4.66 -6.85 -9.71
N ILE B 94 4.77 -6.80 -11.06
CA ILE B 94 4.86 -7.99 -11.91
C ILE B 94 6.00 -7.68 -12.87
N TYR B 95 6.96 -8.60 -12.98
CA TYR B 95 8.02 -8.47 -13.96
C TYR B 95 8.25 -9.82 -14.65
N VAL B 96 8.46 -9.77 -15.96
CA VAL B 96 8.85 -10.91 -16.78
C VAL B 96 10.08 -10.49 -17.60
N MSE B 97 11.12 -11.32 -17.62
CA MSE B 97 12.32 -11.01 -18.38
C MSE B 97 11.93 -10.77 -19.84
O MSE B 97 11.04 -11.45 -20.37
CB MSE B 97 13.30 -12.18 -18.33
CG MSE B 97 13.88 -12.44 -16.95
SE MSE B 97 14.95 -14.11 -17.05
CE MSE B 97 16.35 -13.45 -18.15
N PRO B 98 12.56 -9.77 -20.48
CA PRO B 98 12.20 -9.39 -21.85
C PRO B 98 12.22 -10.55 -22.84
N GLU B 99 13.18 -11.48 -22.65
CA GLU B 99 13.36 -12.63 -23.54
C GLU B 99 12.11 -13.50 -23.56
N TYR B 100 11.37 -13.46 -22.44
CA TYR B 100 10.12 -14.19 -22.27
C TYR B 100 8.83 -13.33 -22.43
N ARG B 101 8.95 -12.07 -22.84
CA ARG B 101 7.75 -11.29 -23.14
C ARG B 101 6.97 -11.84 -24.34
N GLY B 102 5.71 -11.43 -24.48
CA GLY B 102 4.83 -11.88 -25.57
C GLY B 102 4.24 -13.28 -25.36
N GLN B 103 4.59 -13.93 -24.25
CA GLN B 103 4.14 -15.33 -24.02
C GLN B 103 2.99 -15.48 -23.03
N GLY B 104 2.39 -14.38 -22.61
CA GLY B 104 1.23 -14.46 -21.71
C GLY B 104 1.60 -14.69 -20.25
N ILE B 105 2.89 -14.68 -19.93
CA ILE B 105 3.32 -14.96 -18.53
C ILE B 105 2.80 -13.94 -17.50
N GLY B 106 2.88 -12.66 -17.84
CA GLY B 106 2.33 -11.59 -16.98
C GLY B 106 0.84 -11.72 -16.75
N SER B 107 0.11 -12.10 -17.80
CA SER B 107 -1.34 -12.32 -17.69
C SER B 107 -1.62 -13.52 -16.81
N LYS B 108 -0.85 -14.59 -16.97
CA LYS B 108 -0.98 -15.74 -16.07
C LYS B 108 -0.73 -15.42 -14.58
N ILE B 109 0.29 -14.60 -14.31
CA ILE B 109 0.55 -14.23 -12.92
C ILE B 109 -0.61 -13.43 -12.33
N ILE B 110 -1.11 -12.43 -13.06
CA ILE B 110 -2.17 -11.57 -12.51
C ILE B 110 -3.46 -12.38 -12.25
N LYS B 111 -3.81 -13.22 -13.21
CA LYS B 111 -4.91 -14.18 -13.06
C LYS B 111 -4.78 -14.97 -11.76
N LYS B 112 -3.58 -15.46 -11.49
CA LYS B 112 -3.34 -16.25 -10.27
C LYS B 112 -3.49 -15.42 -9.01
N VAL B 113 -3.01 -14.17 -9.04
CA VAL B 113 -3.17 -13.30 -7.87
C VAL B 113 -4.68 -13.05 -7.62
N ALA B 114 -5.42 -12.86 -8.70
CA ALA B 114 -6.86 -12.65 -8.60
C ALA B 114 -7.55 -13.89 -7.95
N GLU B 115 -7.09 -15.08 -8.34
CA GLU B 115 -7.58 -16.32 -7.74
C GLU B 115 -7.26 -16.42 -6.25
N VAL B 116 -6.09 -15.91 -5.83
CA VAL B 116 -5.75 -15.92 -4.40
C VAL B 116 -6.74 -15.09 -3.59
N ALA B 117 -7.04 -13.90 -4.09
CA ALA B 117 -7.99 -13.02 -3.44
C ALA B 117 -9.31 -13.76 -3.23
N LEU B 118 -9.84 -14.35 -4.31
CA LEU B 118 -11.13 -15.05 -4.29
C LEU B 118 -11.14 -16.23 -3.35
N ASP B 119 -10.06 -17.01 -3.38
CA ASP B 119 -9.90 -18.19 -2.51
C ASP B 119 -9.94 -17.82 -1.02
N LYS B 120 -9.51 -16.60 -0.70
CA LYS B 120 -9.49 -16.12 0.67
C LYS B 120 -10.83 -15.50 1.02
N GLY B 121 -11.74 -15.49 0.04
CA GLY B 121 -13.03 -14.85 0.19
C GLY B 121 -12.91 -13.33 0.17
N CYS B 122 -11.99 -12.83 -0.65
CA CYS B 122 -11.88 -11.39 -0.86
C CYS B 122 -12.08 -11.10 -2.32
N SER B 123 -12.89 -10.09 -2.62
CA SER B 123 -13.15 -9.74 -4.01
C SER B 123 -12.78 -8.31 -4.37
N GLN B 124 -11.99 -7.65 -3.51
CA GLN B 124 -11.44 -6.34 -3.86
C GLN B 124 -9.98 -6.54 -4.30
N PHE B 125 -9.62 -6.03 -5.48
CA PHE B 125 -8.28 -6.19 -6.08
C PHE B 125 -7.83 -4.81 -6.52
N ARG B 126 -6.65 -4.41 -6.08
CA ARG B 126 -6.13 -3.08 -6.35
C ARG B 126 -4.69 -3.15 -6.85
N LEU B 127 -4.36 -2.22 -7.74
CA LEU B 127 -3.01 -2.12 -8.23
C LEU B 127 -2.80 -0.71 -8.74
N ALA B 128 -1.55 -0.40 -9.09
CA ALA B 128 -1.24 0.82 -9.81
C ALA B 128 -0.67 0.40 -11.16
N VAL B 129 -1.03 1.16 -12.20
CA VAL B 129 -0.62 0.90 -13.60
C VAL B 129 -0.06 2.19 -14.15
N LEU B 130 1.08 2.11 -14.82
CA LEU B 130 1.64 3.33 -15.42
C LEU B 130 0.85 3.74 -16.66
N ASP B 131 0.74 5.05 -16.89
CA ASP B 131 -0.16 5.57 -17.92
C ASP B 131 0.26 5.31 -19.35
N TRP B 132 1.49 4.83 -19.56
CA TRP B 132 1.95 4.45 -20.90
C TRP B 132 1.28 3.13 -21.30
N ASN B 133 0.80 2.39 -20.30
CA ASN B 133 0.29 1.04 -20.52
C ASN B 133 -1.20 1.01 -20.91
N GLN B 134 -1.49 1.53 -22.11
CA GLN B 134 -2.89 1.62 -22.59
C GLN B 134 -3.55 0.25 -22.78
N ARG B 135 -2.80 -0.70 -23.33
CA ARG B 135 -3.25 -2.09 -23.46
C ARG B 135 -3.81 -2.63 -22.11
N ALA B 136 -3.03 -2.48 -21.05
CA ALA B 136 -3.43 -2.96 -19.72
C ALA B 136 -4.67 -2.21 -19.22
N MSE B 137 -4.62 -0.87 -19.31
CA MSE B 137 -5.74 -0.03 -18.88
C MSE B 137 -7.05 -0.36 -19.60
O MSE B 137 -8.09 -0.53 -18.95
CB MSE B 137 -5.37 1.46 -19.02
CG MSE B 137 -4.27 1.88 -18.09
SE MSE B 137 -3.88 3.78 -18.28
CE MSE B 137 -2.78 4.03 -16.65
N ASP B 138 -7.00 -0.50 -20.92
CA ASP B 138 -8.17 -0.89 -21.72
C ASP B 138 -8.75 -2.24 -21.30
N LEU B 139 -7.89 -3.23 -21.05
CA LEU B 139 -8.35 -4.57 -20.67
C LEU B 139 -8.97 -4.57 -19.28
N TYR B 140 -8.31 -3.87 -18.34
CA TYR B 140 -8.82 -3.79 -16.97
C TYR B 140 -10.22 -3.14 -16.96
N LYS B 141 -10.38 -2.02 -17.68
CA LYS B 141 -11.70 -1.38 -17.82
C LYS B 141 -12.74 -2.32 -18.45
N ALA B 142 -12.32 -3.07 -19.47
CA ALA B 142 -13.19 -4.03 -20.17
C ALA B 142 -13.67 -5.16 -19.28
N LEU B 143 -12.84 -5.52 -18.29
CA LEU B 143 -13.18 -6.54 -17.29
C LEU B 143 -14.12 -6.00 -16.21
N GLY B 144 -14.24 -4.67 -16.12
CA GLY B 144 -15.11 -4.04 -15.12
C GLY B 144 -14.39 -3.21 -14.07
N ALA B 145 -13.05 -3.11 -14.20
CA ALA B 145 -12.25 -2.34 -13.25
C ALA B 145 -12.49 -0.85 -13.39
N GLN B 146 -12.25 -0.12 -12.32
CA GLN B 146 -12.32 1.32 -12.39
C GLN B 146 -10.93 1.89 -12.23
N ASP B 147 -10.60 2.83 -13.09
CA ASP B 147 -9.38 3.61 -12.91
C ASP B 147 -9.72 4.73 -11.90
N LEU B 148 -9.24 4.58 -10.67
CA LEU B 148 -9.53 5.51 -9.59
C LEU B 148 -8.82 6.86 -9.74
N THR B 149 -7.69 6.87 -10.42
CA THR B 149 -6.95 8.09 -10.64
C THR B 149 -7.79 8.95 -11.60
N GLU B 150 -8.21 8.36 -12.73
CA GLU B 150 -9.03 9.05 -13.74
C GLU B 150 -10.44 9.30 -13.21
N ALA B 151 -11.15 8.25 -12.79
CA ALA B 151 -12.48 8.38 -12.20
C ALA B 151 -12.55 9.36 -11.02
N GLU B 152 -11.74 9.11 -9.98
CA GLU B 152 -11.90 9.76 -8.68
C GLU B 152 -10.80 10.76 -8.30
N GLY B 153 -9.76 10.88 -9.14
CA GLY B 153 -8.65 11.79 -8.86
C GLY B 153 -7.62 11.36 -7.82
N TRP B 154 -7.60 10.08 -7.47
CA TRP B 154 -6.58 9.53 -6.54
C TRP B 154 -5.16 9.72 -7.05
N HIS B 155 -4.32 10.33 -6.23
CA HIS B 155 -2.91 10.42 -6.47
C HIS B 155 -2.08 9.62 -5.47
N PHE B 156 -1.06 8.94 -6.01
CA PHE B 156 -0.12 8.07 -5.29
C PHE B 156 0.98 8.99 -4.72
N PHE B 157 1.08 9.12 -3.39
CA PHE B 157 2.17 9.88 -2.75
C PHE B 157 3.20 9.01 -2.03
N CYS B 158 4.45 9.46 -2.01
CA CYS B 158 5.49 8.70 -1.30
C CYS B 158 6.46 9.61 -0.57
N PHE B 159 6.59 9.37 0.74
CA PHE B 159 7.65 9.96 1.54
C PHE B 159 8.81 8.98 1.44
N GLN B 160 9.84 9.38 0.71
CA GLN B 160 11.00 8.51 0.45
C GLN B 160 12.01 8.57 1.55
N GLY B 161 13.20 7.99 1.33
CA GLY B 161 14.05 7.74 2.46
C GLY B 161 14.54 8.98 3.17
N GLU B 162 14.95 10.00 2.44
CA GLU B 162 15.50 11.20 3.08
C GLU B 162 14.39 11.92 3.86
N ALA B 163 13.25 12.11 3.20
CA ALA B 163 12.07 12.77 3.81
C ALA B 163 11.65 12.06 5.06
N THR B 164 11.58 10.72 5.00
CA THR B 164 11.19 9.96 6.18
C THR B 164 12.15 10.15 7.33
N ARG B 165 13.46 10.03 7.06
CA ARG B 165 14.46 10.26 8.13
C ARG B 165 14.31 11.64 8.76
N LYS B 166 14.12 12.65 7.93
CA LYS B 166 13.99 14.03 8.42
C LYS B 166 12.78 14.19 9.35
N LEU B 167 11.63 13.71 8.88
CA LEU B 167 10.40 13.67 9.70
C LEU B 167 10.60 12.97 11.03
N ALA B 168 11.30 11.84 11.02
CA ALA B 168 11.56 11.07 12.24
C ALA B 168 12.62 11.70 13.15
N GLY B 169 13.18 12.83 12.71
CA GLY B 169 14.04 13.64 13.56
C GLY B 169 15.49 13.18 13.50
N LYS B 170 15.91 12.68 12.34
CA LYS B 170 17.31 12.41 12.10
C LYS B 170 17.93 13.55 11.29
N1A ACO C . -6.45 24.99 8.22
C2A ACO C . -5.02 25.22 8.15
N3A ACO C . -4.35 24.28 7.24
C4A ACO C . -5.02 23.26 6.60
C5A ACO C . -6.39 23.09 6.74
C6A ACO C . -7.10 23.98 7.53
N6A ACO C . -8.42 23.90 7.71
N7A ACO C . -6.73 22.03 6.02
C8A ACO C . -5.62 21.56 5.45
N9A ACO C . -4.58 22.32 5.80
C1B ACO C . -3.16 22.12 5.41
C2B ACO C . -2.42 23.30 4.77
O2B ACO C . -1.56 22.76 3.73
C3B ACO C . -1.57 23.84 5.91
O3B ACO C . -0.39 24.41 5.30
P3B ACO C . 0.23 25.90 5.59
O7A ACO C . 0.38 26.02 7.12
O8A ACO C . -0.84 26.95 5.15
O9A ACO C . 1.55 26.07 4.93
C4B ACO C . -1.21 22.47 6.49
O4B ACO C . -2.42 21.77 6.61
C5B ACO C . -0.22 22.02 7.61
O5B ACO C . -0.48 22.28 8.87
P1A ACO C . -1.00 21.33 10.12
O1A ACO C . -1.36 22.39 11.03
O2A ACO C . -0.12 20.23 10.58
O3A ACO C . -2.38 20.78 9.52
P2A ACO C . -3.59 20.07 10.31
O4A ACO C . -3.33 19.77 11.73
O5A ACO C . -4.77 20.85 9.93
O6A ACO C . -3.58 18.73 9.48
CBP ACO C . -4.98 17.68 7.72
CCP ACO C . -3.80 18.63 8.02
CDP ACO C . -5.15 17.58 6.19
CEP ACO C . -4.65 16.26 8.24
CAP ACO C . -6.25 18.25 8.42
OAP ACO C . -6.46 19.61 8.04
C9P ACO C . -7.48 17.49 8.07
O9P ACO C . -7.73 16.36 8.73
N8P ACO C . -8.26 17.92 7.08
C7P ACO C . -9.49 17.14 6.74
C6P ACO C . -9.25 15.61 6.44
C5P ACO C . -8.12 15.37 5.41
O5P ACO C . -8.00 16.23 4.38
N4P ACO C . -7.30 14.34 5.60
C3P ACO C . -6.21 14.01 4.64
C2P ACO C . -6.74 12.82 3.81
S1P ACO C . -5.44 12.09 2.69
C ACO C . -5.24 10.36 3.30
O ACO C . -6.00 10.12 4.51
CH3 ACO C . -3.75 10.02 3.47
#